data_2PJJ
#
_entry.id   2PJJ
#
_cell.length_a   104.9
_cell.length_b   104.9
_cell.length_c   109.9
_cell.angle_alpha   90.0
_cell.angle_beta   90.0
_cell.angle_gamma   120.0
#
_symmetry.space_group_name_H-M   'P 31 2 1'
#
loop_
_entity.id
_entity.type
_entity.pdbx_description
1 polymer 'Membrane-bound lytic murein transglycosylase A'
2 water water
#
_entity_poly.entity_id   1
_entity_poly.type   'polypeptide(L)'
_entity_poly.pdbx_seq_one_letter_code
;MSSKPTDRGQQYKDGKFTQPFSLVNQPDAVGAPINAGDFAEQINHIRNSSPRLYGNQSNVYNAVQEWLRAGGDTRNMRQF
GIDAWQMEGADNYGNVQFTGYYTPVIQARHTRQGEFQYPIYRMPPKRGRLSSRAEIYAGALSDKYILAYSNSLMDNFIMD
VQGSGYIDFGDGSPLNFFSYAGKNGHAYRSIGKVLIDRGEVKKEDMSMQAIRHWGETHSEAEVRELLEQNPSFVFFKPQS
FAPVKGASAVPLVGRASVASDRSIIPPGTTLLAEVPLLDNNGKFNGQYELRLMVALDVGGAIKGQHFAIYQGIGPEAGHR
AGWYNHYGRVWVLKTAPGAGNVFSG
;
_entity_poly.pdbx_strand_id   A
#
# COMPACT_ATOMS: atom_id res chain seq x y z
N SER A 3 -8.26 -17.95 21.35
CA SER A 3 -7.13 -18.78 21.90
C SER A 3 -5.86 -18.54 21.09
N LYS A 4 -5.73 -19.25 19.97
CA LYS A 4 -4.58 -19.12 19.10
C LYS A 4 -4.95 -19.37 17.64
N PRO A 5 -5.65 -18.42 17.02
CA PRO A 5 -6.07 -18.54 15.62
C PRO A 5 -4.85 -18.55 14.70
N THR A 6 -4.99 -19.19 13.55
CA THR A 6 -3.90 -19.29 12.60
C THR A 6 -4.41 -19.02 11.20
N ASP A 7 -5.71 -18.83 11.12
CA ASP A 7 -6.43 -18.58 9.88
C ASP A 7 -5.81 -17.49 8.96
N ARG A 8 -5.19 -16.48 9.56
CA ARG A 8 -4.60 -15.39 8.78
C ARG A 8 -3.07 -15.32 8.71
N GLY A 9 -2.40 -16.42 9.01
CA GLY A 9 -0.94 -16.44 8.93
C GLY A 9 -0.24 -16.51 10.27
N GLN A 10 -0.99 -16.36 11.35
CA GLN A 10 -0.41 -16.40 12.69
C GLN A 10 0.33 -17.71 12.94
N GLN A 11 1.35 -17.63 13.80
CA GLN A 11 2.18 -18.79 14.19
C GLN A 11 2.60 -18.57 15.65
N TYR A 12 2.94 -19.65 16.33
CA TYR A 12 3.30 -19.54 17.74
C TYR A 12 4.49 -20.42 18.12
N LYS A 13 5.53 -20.41 17.31
CA LYS A 13 6.69 -21.23 17.61
C LYS A 13 7.96 -20.44 17.95
N ASP A 14 7.79 -19.17 18.31
CA ASP A 14 8.91 -18.32 18.69
C ASP A 14 8.78 -17.85 20.14
N GLY A 15 7.88 -18.49 20.88
CA GLY A 15 7.67 -18.12 22.26
C GLY A 15 6.82 -16.87 22.42
N LYS A 16 6.71 -16.37 23.64
CA LYS A 16 5.92 -15.18 23.94
C LYS A 16 6.87 -14.03 24.23
N PHE A 17 6.56 -12.84 23.72
CA PHE A 17 7.44 -11.69 23.92
C PHE A 17 7.01 -10.77 25.06
N THR A 18 7.99 -10.18 25.73
CA THR A 18 7.73 -9.29 26.85
C THR A 18 8.10 -7.83 26.55
N GLN A 19 8.56 -7.58 25.33
CA GLN A 19 8.92 -6.23 24.92
C GLN A 19 8.85 -6.05 23.40
N PRO A 20 8.61 -4.82 22.94
CA PRO A 20 8.50 -4.46 21.52
C PRO A 20 9.49 -5.15 20.59
N PHE A 21 10.77 -5.12 20.96
CA PHE A 21 11.81 -5.73 20.15
C PHE A 21 12.71 -6.61 21.01
N SER A 22 12.99 -7.81 20.54
CA SER A 22 13.84 -8.74 21.29
C SER A 22 14.98 -9.30 20.46
N LEU A 23 16.20 -9.09 20.93
CA LEU A 23 17.39 -9.57 20.24
C LEU A 23 17.38 -11.10 20.25
N VAL A 24 17.63 -11.69 19.09
CA VAL A 24 17.69 -13.15 18.96
C VAL A 24 19.03 -13.55 18.36
N ASN A 25 19.55 -14.70 18.81
CA ASN A 25 20.81 -15.21 18.31
C ASN A 25 20.76 -15.37 16.80
N GLN A 26 19.65 -15.92 16.31
CA GLN A 26 19.45 -16.11 14.89
C GLN A 26 17.96 -16.11 14.64
N PRO A 27 17.50 -15.28 13.70
CA PRO A 27 16.06 -15.24 13.43
C PRO A 27 15.53 -16.61 13.00
N ASP A 28 14.32 -16.94 13.46
CA ASP A 28 13.69 -18.20 13.11
C ASP A 28 13.13 -18.06 11.69
N ALA A 29 14.01 -18.21 10.71
CA ALA A 29 13.66 -18.10 9.31
C ALA A 29 14.77 -18.79 8.54
N VAL A 30 14.44 -19.86 7.84
CA VAL A 30 15.45 -20.60 7.10
C VAL A 30 15.66 -20.12 5.66
N GLY A 31 16.92 -20.08 5.24
CA GLY A 31 17.24 -19.65 3.90
C GLY A 31 17.77 -18.22 3.85
N ALA A 32 17.72 -17.65 2.65
CA ALA A 32 18.19 -16.28 2.42
C ALA A 32 17.07 -15.50 1.77
N PRO A 33 17.08 -14.17 1.92
CA PRO A 33 16.06 -13.31 1.32
C PRO A 33 15.96 -13.58 -0.18
N ILE A 34 14.76 -13.51 -0.74
CA ILE A 34 14.61 -13.78 -2.17
C ILE A 34 14.62 -12.55 -3.06
N ASN A 35 14.76 -11.36 -2.50
CA ASN A 35 14.74 -10.15 -3.32
C ASN A 35 16.00 -9.30 -3.20
N ALA A 36 17.16 -9.95 -3.13
CA ALA A 36 18.43 -9.25 -3.02
C ALA A 36 18.57 -8.14 -4.06
N GLY A 37 18.12 -8.42 -5.28
CA GLY A 37 18.20 -7.44 -6.36
C GLY A 37 17.34 -6.22 -6.14
N ASP A 38 16.10 -6.42 -5.70
CA ASP A 38 15.21 -5.28 -5.50
C ASP A 38 15.70 -4.48 -4.31
N PHE A 39 16.22 -5.18 -3.31
CA PHE A 39 16.72 -4.51 -2.11
C PHE A 39 17.84 -3.56 -2.52
N ALA A 40 18.79 -4.06 -3.30
CA ALA A 40 19.92 -3.23 -3.75
C ALA A 40 19.38 -2.02 -4.52
N GLU A 41 18.38 -2.25 -5.36
CA GLU A 41 17.78 -1.18 -6.13
C GLU A 41 17.11 -0.18 -5.21
N GLN A 42 16.43 -0.69 -4.18
CA GLN A 42 15.74 0.20 -3.25
C GLN A 42 16.78 1.07 -2.55
N ILE A 43 17.86 0.46 -2.08
CA ILE A 43 18.92 1.19 -1.41
C ILE A 43 19.53 2.27 -2.33
N ASN A 44 19.63 1.97 -3.63
CA ASN A 44 20.19 2.90 -4.59
C ASN A 44 19.29 4.14 -4.70
N HIS A 45 17.98 3.92 -4.56
CA HIS A 45 17.01 5.01 -4.63
C HIS A 45 17.13 5.91 -3.41
N ILE A 46 17.41 5.30 -2.27
CA ILE A 46 17.57 6.08 -1.05
C ILE A 46 18.85 6.89 -1.19
N ARG A 47 19.87 6.27 -1.79
CA ARG A 47 21.17 6.89 -1.97
C ARG A 47 21.06 8.16 -2.81
N ASN A 48 20.31 8.09 -3.91
CA ASN A 48 20.17 9.23 -4.80
C ASN A 48 19.06 10.21 -4.43
N SER A 49 17.94 9.69 -3.94
CA SER A 49 16.79 10.54 -3.63
C SER A 49 16.78 11.15 -2.24
N SER A 50 17.45 10.50 -1.29
CA SER A 50 17.48 11.01 0.07
C SER A 50 18.84 10.76 0.71
N PRO A 51 19.86 11.46 0.22
CA PRO A 51 21.24 11.34 0.72
C PRO A 51 21.37 11.45 2.24
N ARG A 52 20.54 12.29 2.86
CA ARG A 52 20.61 12.46 4.31
C ARG A 52 20.27 11.14 4.99
N LEU A 53 19.17 10.54 4.56
CA LEU A 53 18.70 9.28 5.11
C LEU A 53 19.71 8.18 4.85
N TYR A 54 20.32 8.18 3.67
CA TYR A 54 21.30 7.17 3.32
C TYR A 54 22.53 7.26 4.24
N GLY A 55 23.10 8.45 4.35
CA GLY A 55 24.27 8.62 5.19
C GLY A 55 24.06 8.08 6.60
N ASN A 56 22.86 8.29 7.14
CA ASN A 56 22.54 7.82 8.49
C ASN A 56 22.30 6.32 8.60
N GLN A 57 22.07 5.64 7.47
CA GLN A 57 21.79 4.21 7.52
C GLN A 57 22.79 3.36 6.72
N SER A 58 23.57 4.00 5.87
CA SER A 58 24.52 3.27 5.01
C SER A 58 25.26 2.16 5.72
N ASN A 59 25.58 2.36 7.00
CA ASN A 59 26.29 1.35 7.75
C ASN A 59 25.54 0.01 7.78
N VAL A 60 24.22 0.08 7.97
CA VAL A 60 23.39 -1.11 7.99
C VAL A 60 23.22 -1.66 6.59
N TYR A 61 22.95 -0.78 5.62
CA TYR A 61 22.74 -1.19 4.23
C TYR A 61 23.99 -1.90 3.71
N ASN A 62 25.15 -1.35 4.03
CA ASN A 62 26.42 -1.93 3.59
C ASN A 62 26.59 -3.36 4.15
N ALA A 63 26.38 -3.51 5.45
CA ALA A 63 26.52 -4.82 6.10
C ALA A 63 25.60 -5.85 5.46
N VAL A 64 24.34 -5.46 5.25
CA VAL A 64 23.35 -6.34 4.63
C VAL A 64 23.81 -6.73 3.22
N GLN A 65 24.23 -5.74 2.42
CA GLN A 65 24.72 -6.00 1.07
C GLN A 65 25.89 -6.97 1.08
N GLU A 66 26.83 -6.75 2.00
CA GLU A 66 27.99 -7.63 2.14
C GLU A 66 27.49 -9.04 2.45
N TRP A 67 26.59 -9.13 3.41
CA TRP A 67 26.02 -10.41 3.81
C TRP A 67 25.33 -11.09 2.64
N LEU A 68 24.49 -10.35 1.91
CA LEU A 68 23.78 -10.90 0.75
C LEU A 68 24.71 -11.43 -0.32
N ARG A 69 25.72 -10.64 -0.68
CA ARG A 69 26.67 -11.06 -1.72
C ARG A 69 27.46 -12.29 -1.27
N ALA A 70 27.61 -12.47 0.04
CA ALA A 70 28.35 -13.62 0.55
C ALA A 70 27.49 -14.89 0.66
N GLY A 71 26.19 -14.77 0.40
CA GLY A 71 25.32 -15.94 0.47
C GLY A 71 23.92 -15.60 0.96
N GLY A 72 23.83 -14.62 1.85
CA GLY A 72 22.54 -14.19 2.36
C GLY A 72 21.78 -15.09 3.30
N ASP A 73 22.35 -16.24 3.68
CA ASP A 73 21.66 -17.13 4.59
C ASP A 73 21.52 -16.49 5.97
N THR A 74 20.37 -16.64 6.60
CA THR A 74 20.17 -16.03 7.91
C THR A 74 21.08 -16.56 9.02
N ARG A 75 21.67 -17.74 8.85
CA ARG A 75 22.56 -18.29 9.86
C ARG A 75 23.93 -17.60 9.87
N ASN A 76 24.23 -16.85 8.82
CA ASN A 76 25.52 -16.18 8.74
C ASN A 76 25.49 -14.68 8.98
N MET A 77 24.36 -14.16 9.45
CA MET A 77 24.25 -12.72 9.69
C MET A 77 25.27 -12.15 10.69
N ARG A 78 25.48 -12.84 11.81
CA ARG A 78 26.41 -12.37 12.83
C ARG A 78 27.80 -12.07 12.26
N GLN A 79 28.22 -12.83 11.25
CA GLN A 79 29.54 -12.61 10.65
C GLN A 79 29.73 -11.19 10.18
N PHE A 80 28.62 -10.54 9.83
CA PHE A 80 28.69 -9.18 9.33
C PHE A 80 28.24 -8.14 10.32
N GLY A 81 28.17 -8.54 11.59
CA GLY A 81 27.78 -7.64 12.65
C GLY A 81 26.33 -7.21 12.60
N ILE A 82 25.50 -8.02 11.96
CA ILE A 82 24.07 -7.72 11.84
C ILE A 82 23.26 -8.32 12.99
N ASP A 83 22.58 -7.46 13.73
CA ASP A 83 21.75 -7.89 14.87
C ASP A 83 20.29 -7.95 14.42
N ALA A 84 19.59 -8.99 14.84
CA ALA A 84 18.20 -9.15 14.47
C ALA A 84 17.27 -8.96 15.67
N TRP A 85 16.48 -7.89 15.65
CA TRP A 85 15.55 -7.60 16.72
C TRP A 85 14.14 -7.99 16.30
N GLN A 86 13.66 -9.14 16.77
CA GLN A 86 12.31 -9.57 16.40
C GLN A 86 11.22 -8.74 17.06
N MET A 87 10.21 -8.41 16.27
CA MET A 87 9.08 -7.61 16.73
C MET A 87 8.02 -8.50 17.35
N GLU A 88 7.46 -8.08 18.47
CA GLU A 88 6.45 -8.88 19.15
C GLU A 88 5.14 -8.94 18.37
N GLY A 89 4.90 -7.94 17.53
CA GLY A 89 3.69 -7.96 16.74
C GLY A 89 2.41 -7.59 17.47
N ALA A 90 1.28 -7.94 16.86
CA ALA A 90 -0.04 -7.62 17.39
C ALA A 90 -0.52 -8.45 18.58
N ASP A 91 0.04 -9.65 18.76
CA ASP A 91 -0.39 -10.53 19.84
C ASP A 91 0.75 -10.92 20.79
N ASN A 92 1.89 -10.24 20.65
CA ASN A 92 3.06 -10.51 21.47
C ASN A 92 3.62 -11.93 21.28
N TYR A 93 3.23 -12.56 20.17
CA TYR A 93 3.74 -13.89 19.83
C TYR A 93 4.57 -13.75 18.56
N GLY A 94 4.89 -12.50 18.21
CA GLY A 94 5.70 -12.22 17.03
C GLY A 94 4.91 -12.10 15.74
N ASN A 95 3.59 -12.13 15.82
CA ASN A 95 2.77 -12.03 14.62
C ASN A 95 2.50 -10.58 14.24
N VAL A 96 3.31 -10.08 13.31
CA VAL A 96 3.20 -8.72 12.84
C VAL A 96 2.08 -8.55 11.83
N GLN A 97 1.27 -7.51 12.04
CA GLN A 97 0.13 -7.20 11.19
C GLN A 97 0.56 -6.62 9.86
N PHE A 98 0.20 -7.31 8.78
CA PHE A 98 0.54 -6.88 7.43
C PHE A 98 -0.71 -6.58 6.60
N THR A 99 -0.66 -5.48 5.85
CA THR A 99 -1.71 -5.11 4.92
C THR A 99 -0.88 -4.68 3.70
N GLY A 100 -1.53 -4.53 2.56
CA GLY A 100 -0.81 -4.13 1.37
C GLY A 100 -1.48 -3.00 0.64
N TYR A 101 -0.70 -2.29 -0.17
CA TYR A 101 -1.21 -1.20 -0.96
C TYR A 101 -0.37 -1.17 -2.23
N TYR A 102 -0.92 -0.58 -3.29
CA TYR A 102 -0.24 -0.52 -4.56
C TYR A 102 -0.69 0.68 -5.37
N THR A 103 -0.04 0.91 -6.51
CA THR A 103 -0.41 2.03 -7.35
C THR A 103 -1.33 1.51 -8.44
N PRO A 104 -2.62 1.87 -8.40
CA PRO A 104 -3.58 1.42 -9.40
C PRO A 104 -3.36 2.09 -10.75
N VAL A 105 -3.62 1.36 -11.83
CA VAL A 105 -3.54 1.91 -13.18
C VAL A 105 -4.97 1.79 -13.68
N ILE A 106 -5.68 2.91 -13.74
CA ILE A 106 -7.05 2.89 -14.19
C ILE A 106 -7.15 2.80 -15.71
N GLN A 107 -7.96 1.84 -16.19
CA GLN A 107 -8.18 1.67 -17.62
C GLN A 107 -9.28 2.65 -17.97
N ALA A 108 -9.00 3.55 -18.92
CA ALA A 108 -9.99 4.55 -19.34
C ALA A 108 -9.89 4.83 -20.83
N ARG A 109 -10.94 5.44 -21.38
CA ARG A 109 -10.99 5.77 -22.81
C ARG A 109 -11.47 7.21 -23.03
N HIS A 110 -11.20 7.73 -24.23
CA HIS A 110 -11.56 9.10 -24.60
C HIS A 110 -13.02 9.30 -24.98
N THR A 111 -13.76 8.20 -25.13
CA THR A 111 -15.17 8.27 -25.50
C THR A 111 -15.86 7.16 -24.72
N ARG A 112 -17.05 7.42 -24.18
CA ARG A 112 -17.72 6.37 -23.44
C ARG A 112 -18.14 5.27 -24.41
N GLN A 113 -17.63 4.08 -24.16
CA GLN A 113 -17.87 2.90 -24.99
C GLN A 113 -17.82 1.68 -24.08
N GLY A 114 -18.45 0.59 -24.52
CA GLY A 114 -18.44 -0.63 -23.74
C GLY A 114 -18.59 -0.42 -22.24
N GLU A 115 -17.63 -0.95 -21.48
CA GLU A 115 -17.65 -0.84 -20.02
C GLU A 115 -17.14 0.51 -19.51
N PHE A 116 -16.64 1.35 -20.42
CA PHE A 116 -16.11 2.65 -20.04
C PHE A 116 -17.24 3.68 -20.02
N GLN A 117 -17.95 3.71 -18.89
CA GLN A 117 -19.08 4.62 -18.70
C GLN A 117 -18.95 5.59 -17.54
N TYR A 118 -17.83 5.56 -16.82
CA TYR A 118 -17.67 6.45 -15.66
C TYR A 118 -16.61 7.54 -15.81
N PRO A 119 -17.06 8.78 -16.08
CA PRO A 119 -16.25 9.99 -16.28
C PRO A 119 -15.41 10.44 -15.09
N ILE A 120 -14.27 11.04 -15.39
CA ILE A 120 -13.36 11.62 -14.41
C ILE A 120 -13.26 13.06 -14.90
N TYR A 121 -13.49 14.03 -14.02
CA TYR A 121 -13.48 15.44 -14.43
C TYR A 121 -12.33 16.34 -14.02
N ARG A 122 -12.23 17.46 -14.73
CA ARG A 122 -11.23 18.48 -14.42
C ARG A 122 -12.06 19.61 -13.80
N MET A 123 -11.40 20.62 -13.27
CA MET A 123 -12.09 21.74 -12.62
C MET A 123 -13.12 22.51 -13.45
N PRO A 124 -14.40 22.42 -13.07
CA PRO A 124 -15.45 23.13 -13.80
C PRO A 124 -15.59 24.54 -13.18
N PRO A 125 -16.46 25.40 -13.74
CA PRO A 125 -16.61 26.74 -13.17
C PRO A 125 -17.28 26.72 -11.79
N LYS A 126 -17.10 27.78 -11.01
CA LYS A 126 -17.69 27.86 -9.67
C LYS A 126 -19.13 27.36 -9.61
N ARG A 127 -19.95 27.75 -10.58
CA ARG A 127 -21.35 27.33 -10.61
C ARG A 127 -21.44 25.80 -10.65
N GLY A 128 -20.56 25.19 -11.43
CA GLY A 128 -20.54 23.73 -11.55
C GLY A 128 -20.14 23.00 -10.28
N ARG A 129 -19.23 23.61 -9.51
CA ARG A 129 -18.75 23.01 -8.28
C ARG A 129 -19.76 22.89 -7.15
N LEU A 130 -20.95 23.47 -7.31
CA LEU A 130 -21.97 23.37 -6.26
C LEU A 130 -22.70 22.03 -6.28
N SER A 131 -22.62 21.33 -7.41
CA SER A 131 -23.29 20.05 -7.55
C SER A 131 -22.73 18.95 -6.66
N SER A 132 -23.62 18.14 -6.11
CA SER A 132 -23.22 17.04 -5.26
C SER A 132 -22.76 15.86 -6.12
N ARG A 133 -22.19 14.86 -5.47
CA ARG A 133 -21.73 13.67 -6.17
C ARG A 133 -22.89 13.05 -6.93
N ALA A 134 -24.03 12.91 -6.25
CA ALA A 134 -25.24 12.34 -6.84
C ALA A 134 -25.68 13.10 -8.09
N GLU A 135 -25.68 14.43 -8.02
CA GLU A 135 -26.09 15.25 -9.15
C GLU A 135 -25.09 15.14 -10.29
N ILE A 136 -23.80 15.03 -9.96
CA ILE A 136 -22.78 14.90 -11.00
C ILE A 136 -22.92 13.53 -11.69
N TYR A 137 -23.25 12.50 -10.91
CA TYR A 137 -23.44 11.17 -11.48
C TYR A 137 -24.64 11.24 -12.40
N ALA A 138 -25.54 12.18 -12.14
CA ALA A 138 -26.74 12.33 -12.95
C ALA A 138 -26.52 13.16 -14.20
N GLY A 139 -25.34 13.74 -14.34
CA GLY A 139 -25.05 14.53 -15.54
C GLY A 139 -25.02 16.03 -15.35
N ALA A 140 -25.06 16.49 -14.11
CA ALA A 140 -25.05 17.91 -13.82
C ALA A 140 -23.93 18.68 -14.51
N LEU A 141 -22.81 18.02 -14.78
CA LEU A 141 -21.68 18.67 -15.43
C LEU A 141 -21.57 18.43 -16.92
N SER A 142 -21.11 19.45 -17.63
CA SER A 142 -20.93 19.39 -19.08
C SER A 142 -19.87 18.36 -19.44
N ASP A 143 -19.95 17.83 -20.66
CA ASP A 143 -18.99 16.84 -21.14
C ASP A 143 -17.63 17.44 -21.44
N LYS A 144 -17.59 18.75 -21.64
CA LYS A 144 -16.33 19.42 -21.93
C LYS A 144 -15.35 19.31 -20.76
N TYR A 145 -15.86 18.94 -19.59
CA TYR A 145 -15.02 18.82 -18.39
C TYR A 145 -14.60 17.38 -18.06
N ILE A 146 -14.91 16.45 -18.95
CA ILE A 146 -14.56 15.05 -18.74
C ILE A 146 -13.15 14.78 -19.27
N LEU A 147 -12.30 14.19 -18.43
CA LEU A 147 -10.92 13.90 -18.81
C LEU A 147 -10.79 12.48 -19.36
N ALA A 148 -11.72 11.62 -18.98
CA ALA A 148 -11.67 10.25 -19.42
C ALA A 148 -12.88 9.48 -18.92
N TYR A 149 -13.05 8.27 -19.43
CA TYR A 149 -14.15 7.41 -19.03
C TYR A 149 -13.57 6.10 -18.53
N SER A 150 -13.57 5.88 -17.22
CA SER A 150 -13.02 4.65 -16.68
C SER A 150 -14.08 3.55 -16.77
N ASN A 151 -13.68 2.33 -16.44
CA ASN A 151 -14.61 1.21 -16.49
C ASN A 151 -14.95 0.76 -15.07
N SER A 152 -14.76 1.67 -14.11
CA SER A 152 -15.05 1.35 -12.72
C SER A 152 -15.39 2.58 -11.88
N LEU A 153 -16.61 2.58 -11.33
CA LEU A 153 -17.08 3.69 -10.51
C LEU A 153 -16.30 3.73 -9.20
N MET A 154 -16.13 2.57 -8.56
CA MET A 154 -15.40 2.50 -7.30
C MET A 154 -13.93 2.93 -7.47
N ASP A 155 -13.34 2.60 -8.61
CA ASP A 155 -11.95 2.97 -8.87
C ASP A 155 -11.79 4.48 -8.88
N ASN A 156 -12.76 5.16 -9.48
CA ASN A 156 -12.74 6.62 -9.54
C ASN A 156 -12.80 7.17 -8.12
N PHE A 157 -13.63 6.57 -7.28
CA PHE A 157 -13.75 7.05 -5.93
C PHE A 157 -12.45 6.91 -5.15
N ILE A 158 -11.81 5.75 -5.29
CA ILE A 158 -10.55 5.53 -4.62
C ILE A 158 -9.55 6.59 -5.08
N MET A 159 -9.63 6.96 -6.35
CA MET A 159 -8.76 7.97 -6.91
C MET A 159 -9.08 9.34 -6.26
N ASP A 160 -10.36 9.59 -5.99
CA ASP A 160 -10.76 10.85 -5.36
C ASP A 160 -10.13 10.99 -3.99
N VAL A 161 -10.11 9.89 -3.25
CA VAL A 161 -9.55 9.86 -1.91
C VAL A 161 -8.04 10.09 -1.94
N GLN A 162 -7.39 9.49 -2.92
CA GLN A 162 -5.94 9.61 -3.07
C GLN A 162 -5.60 11.04 -3.47
N GLY A 163 -6.45 11.63 -4.31
CA GLY A 163 -6.21 12.99 -4.78
C GLY A 163 -5.51 12.99 -6.13
N SER A 164 -5.15 11.80 -6.62
CA SER A 164 -4.47 11.67 -7.90
C SER A 164 -4.51 10.21 -8.33
N GLY A 165 -4.02 9.94 -9.54
CA GLY A 165 -4.02 8.57 -10.03
C GLY A 165 -3.47 8.45 -11.44
N TYR A 166 -3.14 7.22 -11.83
CA TYR A 166 -2.58 6.96 -13.16
C TYR A 166 -3.61 6.36 -14.09
N ILE A 167 -3.65 6.86 -15.32
CA ILE A 167 -4.60 6.38 -16.33
C ILE A 167 -3.92 5.82 -17.57
N ASP A 168 -4.40 4.66 -18.02
CA ASP A 168 -3.91 4.00 -19.22
C ASP A 168 -5.04 4.05 -20.22
N PHE A 169 -4.84 4.78 -21.32
CA PHE A 169 -5.87 4.89 -22.37
C PHE A 169 -5.80 3.71 -23.32
N GLY A 170 -4.88 2.79 -23.05
CA GLY A 170 -4.72 1.59 -23.84
C GLY A 170 -4.40 1.72 -25.32
N ASP A 171 -3.67 2.76 -25.70
CA ASP A 171 -3.31 2.97 -27.09
C ASP A 171 -1.80 3.00 -27.28
N GLY A 172 -1.08 2.50 -26.29
CA GLY A 172 0.38 2.48 -26.39
C GLY A 172 1.06 3.81 -26.14
N SER A 173 0.30 4.82 -25.73
CA SER A 173 0.89 6.12 -25.44
C SER A 173 1.47 6.05 -24.03
N PRO A 174 2.22 7.09 -23.62
CA PRO A 174 2.79 7.09 -22.26
C PRO A 174 1.71 7.06 -21.18
N LEU A 175 1.99 6.42 -20.06
CA LEU A 175 1.04 6.34 -18.95
C LEU A 175 0.66 7.76 -18.52
N ASN A 176 -0.63 8.03 -18.38
CA ASN A 176 -1.09 9.36 -17.96
C ASN A 176 -1.23 9.50 -16.45
N PHE A 177 -0.90 10.67 -15.94
CA PHE A 177 -1.01 10.96 -14.52
C PHE A 177 -1.89 12.18 -14.31
N PHE A 178 -2.78 12.12 -13.33
CA PHE A 178 -3.65 13.24 -13.00
C PHE A 178 -3.56 13.51 -11.50
N SER A 179 -3.38 14.79 -11.15
CA SER A 179 -3.25 15.19 -9.76
C SER A 179 -4.37 16.12 -9.31
N TYR A 180 -4.48 16.30 -7.99
CA TYR A 180 -5.51 17.14 -7.39
C TYR A 180 -5.64 18.55 -7.96
N ALA A 181 -6.85 18.91 -8.37
CA ALA A 181 -7.12 20.23 -8.92
C ALA A 181 -8.00 21.03 -7.97
N GLY A 182 -9.04 20.39 -7.44
CA GLY A 182 -9.93 21.06 -6.52
C GLY A 182 -11.04 20.13 -6.07
N LYS A 183 -11.96 20.65 -5.28
CA LYS A 183 -13.07 19.86 -4.77
C LYS A 183 -14.39 20.57 -5.05
N ASN A 184 -15.50 19.84 -4.93
CA ASN A 184 -16.82 20.43 -5.15
C ASN A 184 -17.22 21.09 -3.82
N GLY A 185 -18.37 21.77 -3.81
CA GLY A 185 -18.81 22.46 -2.61
C GLY A 185 -19.48 21.69 -1.48
N HIS A 186 -19.38 20.37 -1.48
CA HIS A 186 -19.99 19.56 -0.44
C HIS A 186 -18.94 18.89 0.45
N ALA A 187 -19.18 18.88 1.76
CA ALA A 187 -18.24 18.25 2.68
C ALA A 187 -18.33 16.74 2.49
N TYR A 188 -17.20 16.04 2.52
CA TYR A 188 -17.24 14.59 2.33
C TYR A 188 -17.67 13.83 3.56
N ARG A 189 -18.12 12.60 3.36
CA ARG A 189 -18.53 11.72 4.45
C ARG A 189 -17.78 10.42 4.26
N SER A 190 -17.50 9.73 5.36
CA SER A 190 -16.76 8.47 5.30
C SER A 190 -17.56 7.28 4.76
N ILE A 191 -17.17 6.80 3.59
CA ILE A 191 -17.84 5.66 2.97
C ILE A 191 -17.46 4.44 3.81
N GLY A 192 -16.24 4.44 4.34
CA GLY A 192 -15.80 3.35 5.17
C GLY A 192 -16.67 3.21 6.41
N LYS A 193 -17.11 4.34 6.95
CA LYS A 193 -17.98 4.35 8.13
C LYS A 193 -19.31 3.69 7.78
N VAL A 194 -19.88 4.10 6.65
CA VAL A 194 -21.14 3.55 6.18
C VAL A 194 -21.07 2.01 6.16
N LEU A 195 -20.05 1.48 5.51
CA LEU A 195 -19.87 0.04 5.40
C LEU A 195 -19.72 -0.63 6.76
N ILE A 196 -19.07 0.04 7.70
CA ILE A 196 -18.90 -0.54 9.03
C ILE A 196 -20.25 -0.57 9.72
N ASP A 197 -21.01 0.52 9.58
CA ASP A 197 -22.33 0.63 10.19
C ASP A 197 -23.26 -0.46 9.67
N ARG A 198 -23.30 -0.64 8.35
CA ARG A 198 -24.14 -1.67 7.76
C ARG A 198 -23.58 -3.06 8.04
N GLY A 199 -22.55 -3.12 8.88
CA GLY A 199 -21.95 -4.40 9.21
C GLY A 199 -21.48 -5.18 8.00
N GLU A 200 -21.11 -4.45 6.95
CA GLU A 200 -20.63 -5.05 5.71
C GLU A 200 -19.14 -5.38 5.84
N VAL A 201 -18.44 -4.61 6.67
CA VAL A 201 -17.02 -4.83 6.89
C VAL A 201 -16.64 -4.51 8.33
N LYS A 202 -15.80 -5.35 8.92
CA LYS A 202 -15.35 -5.14 10.29
C LYS A 202 -14.47 -3.90 10.38
N LYS A 203 -14.60 -3.17 11.50
CA LYS A 203 -13.82 -1.97 11.71
C LYS A 203 -12.32 -2.22 11.56
N GLU A 204 -11.84 -3.28 12.19
CA GLU A 204 -10.42 -3.62 12.16
C GLU A 204 -9.86 -3.87 10.76
N ASP A 205 -10.71 -4.36 9.86
CA ASP A 205 -10.27 -4.65 8.50
C ASP A 205 -10.55 -3.52 7.51
N MET A 206 -11.14 -2.44 7.99
CA MET A 206 -11.45 -1.31 7.11
C MET A 206 -10.19 -0.63 6.56
N SER A 207 -10.24 -0.33 5.27
CA SER A 207 -9.15 0.32 4.56
C SER A 207 -9.66 0.55 3.14
N MET A 208 -8.90 1.31 2.36
CA MET A 208 -9.29 1.58 0.99
C MET A 208 -9.39 0.25 0.23
N GLN A 209 -8.45 -0.66 0.50
CA GLN A 209 -8.47 -1.96 -0.17
C GLN A 209 -9.77 -2.68 0.15
N ALA A 210 -10.20 -2.63 1.40
CA ALA A 210 -11.44 -3.28 1.82
C ALA A 210 -12.61 -2.67 1.04
N ILE A 211 -12.59 -1.36 0.85
CA ILE A 211 -13.66 -0.69 0.11
C ILE A 211 -13.60 -1.08 -1.36
N ARG A 212 -12.39 -1.26 -1.88
CA ARG A 212 -12.21 -1.64 -3.29
C ARG A 212 -12.76 -3.04 -3.51
N HIS A 213 -12.51 -3.91 -2.55
CA HIS A 213 -12.97 -5.29 -2.64
C HIS A 213 -14.48 -5.34 -2.63
N TRP A 214 -15.08 -4.57 -1.72
CA TRP A 214 -16.53 -4.53 -1.62
C TRP A 214 -17.12 -4.09 -2.97
N GLY A 215 -16.42 -3.19 -3.64
CA GLY A 215 -16.89 -2.67 -4.92
C GLY A 215 -16.76 -3.65 -6.07
N GLU A 216 -15.92 -4.68 -5.89
CA GLU A 216 -15.72 -5.67 -6.93
C GLU A 216 -16.68 -6.84 -6.70
N THR A 217 -17.18 -6.96 -5.48
CA THR A 217 -18.09 -8.03 -5.14
C THR A 217 -19.54 -7.56 -5.07
N HIS A 218 -19.81 -6.39 -5.63
CA HIS A 218 -21.16 -5.85 -5.63
C HIS A 218 -21.49 -5.20 -6.97
N SER A 219 -22.79 -5.12 -7.26
CA SER A 219 -23.27 -4.54 -8.52
C SER A 219 -23.03 -3.04 -8.66
N GLU A 220 -23.11 -2.56 -9.89
CA GLU A 220 -22.93 -1.15 -10.18
C GLU A 220 -23.96 -0.33 -9.41
N ALA A 221 -25.19 -0.83 -9.38
CA ALA A 221 -26.27 -0.13 -8.68
C ALA A 221 -25.97 -0.03 -7.20
N GLU A 222 -25.48 -1.11 -6.62
CA GLU A 222 -25.15 -1.13 -5.19
C GLU A 222 -23.98 -0.22 -4.85
N VAL A 223 -22.98 -0.19 -5.73
CA VAL A 223 -21.80 0.64 -5.54
C VAL A 223 -22.17 2.12 -5.66
N ARG A 224 -23.02 2.44 -6.62
CA ARG A 224 -23.44 3.82 -6.82
C ARG A 224 -24.29 4.27 -5.64
N GLU A 225 -25.12 3.37 -5.14
CA GLU A 225 -25.98 3.70 -4.00
C GLU A 225 -25.08 4.02 -2.83
N LEU A 226 -24.06 3.20 -2.62
CA LEU A 226 -23.11 3.40 -1.52
C LEU A 226 -22.36 4.72 -1.69
N LEU A 227 -21.69 4.86 -2.83
CA LEU A 227 -20.90 6.05 -3.14
C LEU A 227 -21.62 7.39 -3.09
N GLU A 228 -22.94 7.39 -3.23
CA GLU A 228 -23.65 8.67 -3.21
C GLU A 228 -23.87 9.14 -1.78
N GLN A 229 -23.62 8.24 -0.83
CA GLN A 229 -23.75 8.57 0.59
C GLN A 229 -22.75 9.67 0.95
N ASN A 230 -21.78 9.87 0.06
CA ASN A 230 -20.74 10.90 0.21
C ASN A 230 -20.98 11.95 -0.86
N PRO A 231 -21.64 13.06 -0.50
CA PRO A 231 -21.94 14.13 -1.45
C PRO A 231 -20.74 14.88 -2.03
N SER A 232 -19.57 14.66 -1.44
CA SER A 232 -18.33 15.32 -1.89
C SER A 232 -17.85 14.74 -3.24
N PHE A 233 -17.09 15.54 -3.98
CA PHE A 233 -16.56 15.12 -5.29
C PHE A 233 -15.26 15.84 -5.59
N VAL A 234 -14.32 15.13 -6.23
CA VAL A 234 -13.00 15.67 -6.55
C VAL A 234 -12.74 15.93 -8.04
N PHE A 235 -11.99 16.98 -8.33
CA PHE A 235 -11.63 17.34 -9.70
C PHE A 235 -10.12 17.24 -9.90
N PHE A 236 -9.70 16.82 -11.09
CA PHE A 236 -8.28 16.64 -11.36
C PHE A 236 -7.77 17.49 -12.50
N LYS A 237 -6.48 17.37 -12.78
CA LYS A 237 -5.84 18.09 -13.86
C LYS A 237 -4.65 17.27 -14.35
N PRO A 238 -4.28 17.42 -15.63
CA PRO A 238 -3.16 16.66 -16.17
C PRO A 238 -1.89 17.07 -15.43
N GLN A 239 -0.94 16.15 -15.31
CA GLN A 239 0.31 16.43 -14.64
C GLN A 239 1.40 15.56 -15.23
N SER A 240 2.62 16.06 -15.28
CA SER A 240 3.70 15.26 -15.83
C SER A 240 3.95 14.04 -14.95
N PHE A 241 4.33 12.93 -15.57
CA PHE A 241 4.57 11.68 -14.85
C PHE A 241 5.77 11.75 -13.92
N ALA A 242 5.62 11.18 -12.73
CA ALA A 242 6.68 11.14 -11.74
C ALA A 242 6.61 9.78 -11.06
N PRO A 243 7.75 9.09 -10.94
CA PRO A 243 7.77 7.77 -10.31
C PRO A 243 7.11 7.81 -8.93
N VAL A 244 6.44 6.72 -8.54
CA VAL A 244 5.77 6.67 -7.25
C VAL A 244 6.78 6.75 -6.09
N LYS A 245 6.55 7.69 -5.18
CA LYS A 245 7.43 7.89 -4.04
C LYS A 245 6.63 7.85 -2.74
N GLY A 246 7.33 7.57 -1.64
CA GLY A 246 6.67 7.54 -0.34
C GLY A 246 6.85 8.88 0.35
N ALA A 247 6.36 9.00 1.58
CA ALA A 247 6.49 10.24 2.31
C ALA A 247 7.97 10.66 2.41
N SER A 248 8.85 9.67 2.45
CA SER A 248 10.28 9.94 2.53
C SER A 248 10.87 10.50 1.24
N ALA A 249 10.04 10.66 0.21
CA ALA A 249 10.46 11.20 -1.08
C ALA A 249 11.39 10.25 -1.85
N VAL A 250 11.35 8.97 -1.50
CA VAL A 250 12.19 8.00 -2.18
C VAL A 250 11.35 7.09 -3.07
N PRO A 251 11.79 6.87 -4.32
CA PRO A 251 11.00 5.99 -5.21
C PRO A 251 10.84 4.61 -4.55
N LEU A 252 9.60 4.12 -4.49
CA LEU A 252 9.31 2.83 -3.88
C LEU A 252 9.49 1.62 -4.80
N VAL A 253 10.16 0.60 -4.31
CA VAL A 253 10.37 -0.62 -5.08
C VAL A 253 9.38 -1.66 -4.56
N GLY A 254 8.65 -2.29 -5.48
CA GLY A 254 7.67 -3.28 -5.10
C GLY A 254 8.19 -4.36 -4.16
N ARG A 255 7.49 -4.56 -3.06
CA ARG A 255 7.84 -5.57 -2.07
C ARG A 255 9.23 -5.42 -1.45
N ALA A 256 9.80 -4.23 -1.51
CA ALA A 256 11.10 -3.99 -0.90
C ALA A 256 10.99 -2.73 -0.07
N SER A 257 9.76 -2.30 0.18
CA SER A 257 9.53 -1.09 0.96
C SER A 257 8.16 -1.14 1.63
N VAL A 258 8.04 -0.51 2.79
CA VAL A 258 6.76 -0.49 3.48
C VAL A 258 6.43 0.86 4.09
N ALA A 259 5.18 1.00 4.52
CA ALA A 259 4.73 2.21 5.19
C ALA A 259 4.73 1.79 6.64
N SER A 260 5.25 2.63 7.52
CA SER A 260 5.30 2.29 8.95
C SER A 260 5.05 3.51 9.81
N ASP A 261 4.90 3.25 11.10
CA ASP A 261 4.70 4.31 12.09
C ASP A 261 6.09 4.84 12.42
N ARG A 262 6.36 6.12 12.08
CA ARG A 262 7.66 6.72 12.34
C ARG A 262 8.17 6.63 13.78
N SER A 263 7.28 6.76 14.75
CA SER A 263 7.70 6.71 16.15
C SER A 263 8.09 5.30 16.60
N ILE A 264 7.72 4.29 15.82
CA ILE A 264 8.05 2.90 16.16
C ILE A 264 9.12 2.34 15.21
N ILE A 265 8.96 2.61 13.92
CA ILE A 265 9.90 2.15 12.89
C ILE A 265 10.24 3.37 12.02
N PRO A 266 11.32 4.09 12.37
CA PRO A 266 11.76 5.28 11.64
C PRO A 266 12.04 5.03 10.16
N PRO A 267 11.87 6.06 9.33
CA PRO A 267 12.13 5.91 7.89
C PRO A 267 13.56 5.41 7.73
N GLY A 268 13.80 4.53 6.77
CA GLY A 268 15.15 4.04 6.56
C GLY A 268 15.47 2.75 7.28
N THR A 269 14.63 2.36 8.23
CA THR A 269 14.87 1.13 8.95
C THR A 269 14.82 -0.08 8.02
N THR A 270 15.74 -1.01 8.23
CA THR A 270 15.83 -2.22 7.41
C THR A 270 15.08 -3.37 8.09
N LEU A 271 14.25 -4.06 7.32
CA LEU A 271 13.45 -5.16 7.84
C LEU A 271 13.65 -6.48 7.11
N LEU A 272 13.74 -7.55 7.89
CA LEU A 272 13.85 -8.90 7.35
C LEU A 272 12.48 -9.44 7.74
N ALA A 273 11.74 -9.98 6.78
CA ALA A 273 10.40 -10.45 7.09
C ALA A 273 9.90 -11.71 6.40
N GLU A 274 9.14 -12.49 7.15
CA GLU A 274 8.50 -13.68 6.63
C GLU A 274 7.12 -13.14 6.30
N VAL A 275 6.88 -12.87 5.02
CA VAL A 275 5.62 -12.31 4.54
C VAL A 275 4.64 -13.40 4.11
N PRO A 276 3.40 -13.35 4.61
CA PRO A 276 2.37 -14.34 4.28
C PRO A 276 1.89 -14.19 2.83
N LEU A 277 1.71 -15.31 2.12
CA LEU A 277 1.25 -15.25 0.75
C LEU A 277 -0.26 -15.45 0.69
N LEU A 278 -0.90 -14.86 -0.31
CA LEU A 278 -2.35 -14.97 -0.45
C LEU A 278 -2.80 -15.70 -1.71
N ASP A 279 -3.92 -16.40 -1.62
CA ASP A 279 -4.45 -17.10 -2.78
C ASP A 279 -5.30 -16.09 -3.54
N ASN A 280 -5.90 -16.52 -4.65
CA ASN A 280 -6.73 -15.62 -5.45
C ASN A 280 -7.90 -14.98 -4.73
N ASN A 281 -8.25 -15.51 -3.56
CA ASN A 281 -9.34 -14.94 -2.79
C ASN A 281 -8.80 -14.11 -1.63
N GLY A 282 -7.55 -13.72 -1.76
CA GLY A 282 -6.89 -12.91 -0.74
C GLY A 282 -6.82 -13.59 0.61
N LYS A 283 -6.73 -14.92 0.61
CA LYS A 283 -6.65 -15.68 1.85
C LYS A 283 -5.26 -16.28 2.01
N PHE A 284 -4.79 -16.35 3.25
CA PHE A 284 -3.48 -16.92 3.56
C PHE A 284 -3.44 -18.35 2.99
N ASN A 285 -2.49 -18.62 2.09
CA ASN A 285 -2.40 -19.95 1.49
C ASN A 285 -1.46 -20.90 2.22
N GLY A 286 -0.96 -20.48 3.38
CA GLY A 286 -0.06 -21.32 4.15
C GLY A 286 1.43 -21.16 3.89
N GLN A 287 1.79 -20.27 2.98
CA GLN A 287 3.21 -20.05 2.66
C GLN A 287 3.74 -18.64 2.99
N TYR A 288 5.05 -18.53 3.13
CA TYR A 288 5.68 -17.23 3.42
C TYR A 288 6.92 -17.02 2.55
N GLU A 289 7.23 -15.75 2.27
CA GLU A 289 8.40 -15.39 1.49
C GLU A 289 9.33 -14.59 2.39
N LEU A 290 10.62 -14.89 2.33
CA LEU A 290 11.58 -14.16 3.14
C LEU A 290 12.07 -12.98 2.29
N ARG A 291 11.84 -11.76 2.78
CA ARG A 291 12.22 -10.56 2.05
C ARG A 291 12.85 -9.50 2.93
N LEU A 292 13.63 -8.64 2.28
CA LEU A 292 14.27 -7.51 2.93
C LEU A 292 13.45 -6.32 2.46
N MET A 293 13.12 -5.40 3.37
CA MET A 293 12.33 -4.22 3.01
C MET A 293 12.76 -3.02 3.84
N VAL A 294 12.47 -1.82 3.34
CA VAL A 294 12.82 -0.61 4.05
C VAL A 294 11.61 0.28 4.27
N ALA A 295 11.49 0.84 5.48
CA ALA A 295 10.37 1.72 5.79
C ALA A 295 10.62 3.04 5.06
N LEU A 296 9.79 3.36 4.06
CA LEU A 296 9.98 4.58 3.29
C LEU A 296 8.68 5.36 3.08
N ASP A 297 7.66 5.03 3.86
CA ASP A 297 6.37 5.70 3.70
C ASP A 297 5.57 5.63 5.00
N VAL A 298 4.47 6.36 5.04
CA VAL A 298 3.60 6.36 6.20
C VAL A 298 2.17 6.25 5.70
N GLY A 299 1.23 6.13 6.65
CA GLY A 299 -0.16 6.03 6.29
C GLY A 299 -1.00 6.53 7.45
N GLY A 300 -2.13 7.14 7.13
CA GLY A 300 -3.02 7.66 8.17
C GLY A 300 -3.43 6.64 9.20
N ALA A 301 -3.61 5.39 8.77
CA ALA A 301 -4.02 4.33 9.69
C ALA A 301 -2.96 3.25 9.88
N ILE A 302 -1.70 3.57 9.61
CA ILE A 302 -0.64 2.61 9.81
C ILE A 302 0.04 3.02 11.13
N LYS A 303 -0.33 2.34 12.20
CA LYS A 303 0.19 2.66 13.52
C LYS A 303 0.75 1.44 14.24
N GLY A 304 1.61 1.71 15.22
CA GLY A 304 2.21 0.65 16.00
C GLY A 304 3.11 -0.26 15.19
N GLN A 305 2.97 -1.56 15.40
CA GLN A 305 3.77 -2.55 14.70
C GLN A 305 3.05 -3.10 13.48
N HIS A 306 2.26 -2.24 12.86
CA HIS A 306 1.51 -2.56 11.67
C HIS A 306 2.30 -2.09 10.46
N PHE A 307 2.42 -2.93 9.44
CA PHE A 307 3.15 -2.59 8.23
C PHE A 307 2.27 -2.73 7.00
N ALA A 308 2.41 -1.78 6.07
CA ALA A 308 1.67 -1.86 4.83
C ALA A 308 2.76 -2.02 3.77
N ILE A 309 2.73 -3.16 3.09
CA ILE A 309 3.73 -3.45 2.08
C ILE A 309 3.31 -2.86 0.74
N TYR A 310 4.20 -2.10 0.12
CA TYR A 310 3.93 -1.53 -1.19
C TYR A 310 4.14 -2.67 -2.18
N GLN A 311 3.09 -3.08 -2.88
CA GLN A 311 3.20 -4.19 -3.82
C GLN A 311 3.68 -3.81 -5.20
N GLY A 312 3.58 -2.53 -5.53
CA GLY A 312 4.01 -2.09 -6.84
C GLY A 312 2.87 -1.42 -7.60
N ILE A 313 3.00 -1.37 -8.91
CA ILE A 313 1.99 -0.74 -9.76
C ILE A 313 1.30 -1.75 -10.67
N GLY A 314 0.02 -1.50 -10.96
CA GLY A 314 -0.72 -2.37 -11.86
C GLY A 314 -1.54 -3.47 -11.23
N PRO A 315 -2.20 -4.30 -12.06
CA PRO A 315 -3.06 -5.43 -11.68
C PRO A 315 -2.44 -6.50 -10.79
N GLU A 316 -1.26 -6.98 -11.14
CA GLU A 316 -0.60 -8.00 -10.35
C GLU A 316 -0.33 -7.50 -8.93
N ALA A 317 0.15 -6.27 -8.81
CA ALA A 317 0.41 -5.69 -7.50
C ALA A 317 -0.91 -5.66 -6.72
N GLY A 318 -1.98 -5.31 -7.41
CA GLY A 318 -3.29 -5.26 -6.78
C GLY A 318 -3.71 -6.59 -6.18
N HIS A 319 -3.54 -7.67 -6.93
CA HIS A 319 -3.92 -9.00 -6.46
C HIS A 319 -3.14 -9.43 -5.23
N ARG A 320 -1.88 -9.02 -5.15
CA ARG A 320 -1.03 -9.37 -4.02
C ARG A 320 -1.33 -8.54 -2.80
N ALA A 321 -1.90 -7.36 -3.02
CA ALA A 321 -2.23 -6.44 -1.94
C ALA A 321 -3.13 -7.03 -0.87
N GLY A 322 -4.21 -7.68 -1.28
CA GLY A 322 -5.13 -8.25 -0.33
C GLY A 322 -6.13 -7.19 0.10
N TRP A 323 -7.07 -7.55 0.96
CA TRP A 323 -8.07 -6.58 1.43
C TRP A 323 -8.44 -6.67 2.91
N TYR A 324 -7.63 -7.39 3.69
CA TYR A 324 -7.82 -7.49 5.14
C TYR A 324 -6.53 -8.03 5.74
N ASN A 325 -6.35 -7.81 7.05
CA ASN A 325 -5.13 -8.20 7.75
C ASN A 325 -4.63 -9.65 7.59
N HIS A 326 -3.32 -9.80 7.71
CA HIS A 326 -2.61 -11.07 7.64
C HIS A 326 -1.40 -10.88 8.54
N TYR A 327 -0.71 -11.97 8.88
CA TYR A 327 0.41 -11.86 9.78
C TYR A 327 1.65 -12.66 9.37
N GLY A 328 2.80 -12.10 9.71
CA GLY A 328 4.08 -12.73 9.42
C GLY A 328 5.01 -12.36 10.56
N ARG A 329 6.30 -12.64 10.41
CA ARG A 329 7.26 -12.29 11.45
C ARG A 329 8.23 -11.27 10.85
N VAL A 330 8.76 -10.41 11.69
CA VAL A 330 9.68 -9.39 11.21
C VAL A 330 10.83 -9.15 12.19
N TRP A 331 12.02 -8.95 11.63
CA TRP A 331 13.19 -8.70 12.45
C TRP A 331 13.81 -7.38 12.00
N VAL A 332 13.99 -6.44 12.91
CA VAL A 332 14.62 -5.18 12.52
C VAL A 332 16.12 -5.47 12.46
N LEU A 333 16.78 -5.08 11.37
CA LEU A 333 18.21 -5.32 11.24
C LEU A 333 19.03 -4.10 11.59
N LYS A 334 19.99 -4.28 12.49
CA LYS A 334 20.88 -3.20 12.93
C LYS A 334 22.28 -3.72 13.13
N THR A 335 23.23 -2.82 13.30
CA THR A 335 24.61 -3.22 13.55
C THR A 335 25.09 -2.62 14.86
N ALA A 336 25.46 -3.47 15.81
CA ALA A 336 25.94 -3.00 17.12
C ALA A 336 27.17 -2.11 16.94
N PRO A 337 27.12 -0.87 17.49
CA PRO A 337 28.25 0.06 17.38
C PRO A 337 29.56 -0.41 18.05
#